data_9HWW
#
_entry.id   9HWW
#
_cell.length_a   103.337
_cell.length_b   103.337
_cell.length_c   55.025
_cell.angle_alpha   90.000
_cell.angle_beta   90.000
_cell.angle_gamma   120.000
#
_symmetry.space_group_name_H-M   'P 61'
#
loop_
_entity.id
_entity.type
_entity.pdbx_description
1 polymer 'Kelch-like ECH-associated protein 1'
2 non-polymer '(3~{S})-3-[7-[2-(cyclohexylamino)-2-oxidanylidene-ethoxy]naphthalen-2-yl]-3-(2,3-dihydro-1,4-benzodioxin-6-yl)propanoic acid'
3 non-polymer 'SULFATE ION'
4 non-polymer 'DIMETHYL SULFOXIDE'
5 water water
#
_entity_poly.entity_id   1
_entity_poly.type   'polypeptide(L)'
_entity_poly.pdbx_seq_one_letter_code
;GPKVGRLIYTAGGYFRQSLSYLEAYNPSNGSWLRLADLQVPRSGLAGCVVGGLLYAVGGRNNSPDGNTDSSALDCYNPMT
NQWSPCASMSVPRNRIGVGVIDGHIYAVGGSHGCIHHSSVERYEPERDEWHLVAPMLTRRIGVGVAVLNRLLYAVGGFDG
TNRLNSAECYYPERNEWRMITPMNTIRSGAGVCVLHNCIYAAGGYDGQDQLNSVERYDVETETWTFVAPMRHHRSALGIT
VHQGKIYVLGGYDGHTFLDSVECYDPDSDTWSEVTRMTSGRSGVGVAVTMEPCRKQIDQQNCTC
;
_entity_poly.pdbx_strand_id   A
#
loop_
_chem_comp.id
_chem_comp.type
_chem_comp.name
_chem_comp.formula
A1IX0 non-polymer '(3~{S})-3-[7-[2-(cyclohexylamino)-2-oxidanylidene-ethoxy]naphthalen-2-yl]-3-(2,3-dihydro-1,4-benzodioxin-6-yl)propanoic acid' 'C29 H31 N O6'
DMS non-polymer 'DIMETHYL SULFOXIDE' 'C2 H6 O S'
SO4 non-polymer 'SULFATE ION' 'O4 S -2'
#
# COMPACT_ATOMS: atom_id res chain seq x y z
N VAL A 4 -3.00 0.01 -23.03
CA VAL A 4 -1.70 -0.61 -23.27
C VAL A 4 -0.59 0.28 -22.69
N GLY A 5 0.59 -0.32 -22.50
CA GLY A 5 1.76 0.43 -22.10
C GLY A 5 1.85 0.78 -20.64
N ARG A 6 1.14 0.08 -19.74
CA ARG A 6 1.18 0.37 -18.32
C ARG A 6 2.11 -0.60 -17.61
N LEU A 7 2.82 -0.10 -16.62
CA LEU A 7 3.80 -0.86 -15.86
C LEU A 7 3.44 -0.88 -14.38
N ILE A 8 3.88 -1.92 -13.68
CA ILE A 8 3.77 -1.98 -12.23
C ILE A 8 5.05 -1.40 -11.62
N TYR A 9 4.91 -0.28 -10.92
CA TYR A 9 6.02 0.41 -10.30
C TYR A 9 6.14 0.02 -8.84
N THR A 10 7.37 -0.28 -8.41
CA THR A 10 7.65 -0.56 -7.00
C THR A 10 8.69 0.43 -6.51
N ALA A 11 8.37 1.11 -5.42
CA ALA A 11 9.19 2.21 -4.90
C ALA A 11 9.62 1.89 -3.49
N GLY A 12 10.89 2.12 -3.20
CA GLY A 12 11.42 1.96 -1.85
C GLY A 12 11.44 0.52 -1.37
N GLY A 13 11.31 0.36 -0.07
CA GLY A 13 11.31 -0.94 0.56
C GLY A 13 12.39 -1.08 1.61
N TYR A 14 12.53 -2.30 2.08
CA TYR A 14 13.43 -2.60 3.18
C TYR A 14 14.13 -3.91 2.94
N PHE A 15 15.47 -3.88 3.04
CA PHE A 15 16.27 -5.09 3.16
C PHE A 15 17.52 -4.64 3.90
N ARG A 16 17.61 -4.98 5.18
CA ARG A 16 18.75 -4.58 6.01
C ARG A 16 18.67 -3.09 6.35
N GLN A 17 18.25 -2.26 5.39
CA GLN A 17 17.96 -0.85 5.65
C GLN A 17 16.90 -0.41 4.65
N SER A 18 16.39 0.82 4.81
CA SER A 18 15.41 1.33 3.86
C SER A 18 16.09 1.62 2.53
N LEU A 19 15.33 1.44 1.44
CA LEU A 19 15.86 1.42 0.09
C LEU A 19 15.30 2.58 -0.73
N SER A 20 16.09 3.02 -1.72
CA SER A 20 15.68 4.11 -2.60
CA SER A 20 15.69 4.10 -2.60
C SER A 20 15.25 3.63 -3.98
N TYR A 21 15.12 2.32 -4.20
CA TYR A 21 14.91 1.83 -5.56
C TYR A 21 13.54 2.24 -6.10
N LEU A 22 13.52 2.54 -7.41
CA LEU A 22 12.30 2.64 -8.20
C LEU A 22 12.49 1.71 -9.38
N GLU A 23 11.68 0.66 -9.46
CA GLU A 23 11.80 -0.34 -10.51
C GLU A 23 10.40 -0.61 -11.05
N ALA A 24 10.32 -0.88 -12.34
CA ALA A 24 9.02 -1.03 -12.99
C ALA A 24 8.99 -2.30 -13.82
N TYR A 25 7.93 -3.08 -13.64
CA TYR A 25 7.76 -4.38 -14.25
C TYR A 25 6.72 -4.28 -15.34
N ASN A 26 7.00 -4.89 -16.49
CA ASN A 26 6.07 -4.93 -17.61
C ASN A 26 5.42 -6.30 -17.72
N PRO A 27 4.17 -6.47 -17.32
CA PRO A 27 3.56 -7.81 -17.40
C PRO A 27 3.48 -8.35 -18.81
N SER A 28 3.57 -7.48 -19.82
CA SER A 28 3.40 -7.97 -21.20
C SER A 28 4.64 -8.69 -21.69
N ASN A 29 5.83 -8.31 -21.21
CA ASN A 29 7.04 -8.97 -21.70
C ASN A 29 7.96 -9.47 -20.59
N GLY A 30 7.57 -9.35 -19.32
CA GLY A 30 8.41 -9.83 -18.23
C GLY A 30 9.61 -8.98 -17.88
N SER A 31 9.76 -7.80 -18.48
CA SER A 31 10.98 -7.02 -18.28
C SER A 31 10.85 -6.16 -17.03
N TRP A 32 12.00 -5.89 -16.41
CA TRP A 32 12.13 -4.94 -15.32
C TRP A 32 13.03 -3.79 -15.76
N LEU A 33 12.69 -2.57 -15.36
CA LEU A 33 13.50 -1.40 -15.59
C LEU A 33 13.88 -0.76 -14.26
N ARG A 34 15.15 -0.36 -14.10
CA ARG A 34 15.53 0.45 -12.96
C ARG A 34 15.45 1.93 -13.33
N LEU A 35 14.69 2.70 -12.55
CA LEU A 35 14.40 4.11 -12.84
C LEU A 35 15.03 4.98 -11.74
N ALA A 36 14.72 6.28 -11.79
CA ALA A 36 15.34 7.23 -10.89
C ALA A 36 15.08 6.85 -9.44
N ASP A 37 16.17 6.77 -8.66
CA ASP A 37 16.05 6.57 -7.22
C ASP A 37 15.20 7.66 -6.56
N LEU A 38 14.46 7.26 -5.54
CA LEU A 38 13.92 8.20 -4.57
C LEU A 38 15.01 9.12 -4.04
N GLN A 39 14.62 10.37 -3.76
CA GLN A 39 15.57 11.30 -3.16
C GLN A 39 16.00 10.85 -1.77
N VAL A 40 15.09 10.27 -1.01
CA VAL A 40 15.34 9.76 0.34
C VAL A 40 14.91 8.30 0.39
N PRO A 41 15.75 7.37 0.84
CA PRO A 41 15.30 5.97 0.97
C PRO A 41 14.14 5.87 1.95
N ARG A 42 13.16 5.07 1.61
CA ARG A 42 12.03 4.91 2.50
C ARG A 42 11.47 3.49 2.43
N SER A 43 11.08 2.95 3.59
CA SER A 43 10.23 1.77 3.70
C SER A 43 8.92 2.13 4.40
N GLY A 44 7.94 1.25 4.26
CA GLY A 44 6.67 1.50 4.92
C GLY A 44 5.91 2.66 4.33
N LEU A 45 6.23 3.02 3.10
CA LEU A 45 5.52 4.03 2.33
C LEU A 45 4.40 3.38 1.51
N ALA A 46 3.57 4.23 0.93
CA ALA A 46 2.54 3.79 -0.01
C ALA A 46 2.75 4.52 -1.33
N GLY A 47 2.36 3.86 -2.41
CA GLY A 47 2.37 4.47 -3.73
C GLY A 47 0.96 4.60 -4.27
N CYS A 48 0.77 5.60 -5.12
CA CYS A 48 -0.50 5.76 -5.82
C CYS A 48 -0.26 6.64 -7.05
N VAL A 49 -1.27 6.69 -7.92
CA VAL A 49 -1.14 7.41 -9.16
C VAL A 49 -2.34 8.34 -9.33
N VAL A 50 -2.07 9.60 -9.65
CA VAL A 50 -3.10 10.55 -10.04
C VAL A 50 -2.62 11.30 -11.27
N GLY A 51 -3.47 11.34 -12.29
CA GLY A 51 -3.13 12.10 -13.48
C GLY A 51 -1.85 11.63 -14.13
N GLY A 52 -1.58 10.33 -14.09
CA GLY A 52 -0.39 9.80 -14.69
C GLY A 52 0.90 10.06 -13.94
N LEU A 53 0.85 10.71 -12.78
CA LEU A 53 2.03 10.89 -11.97
C LEU A 53 2.02 9.87 -10.82
N LEU A 54 3.21 9.38 -10.48
CA LEU A 54 3.36 8.42 -9.40
C LEU A 54 3.71 9.17 -8.13
N TYR A 55 3.01 8.89 -7.05
CA TYR A 55 3.26 9.54 -5.78
C TYR A 55 3.78 8.52 -4.78
N ALA A 56 4.80 8.94 -4.03
CA ALA A 56 5.32 8.18 -2.90
C ALA A 56 5.00 8.96 -1.63
N VAL A 57 4.32 8.29 -0.69
CA VAL A 57 3.72 8.95 0.48
C VAL A 57 4.26 8.32 1.76
N GLY A 58 4.82 9.15 2.64
CA GLY A 58 5.12 8.68 3.98
C GLY A 58 6.27 7.66 4.01
N GLY A 59 6.27 6.84 5.05
CA GLY A 59 7.30 5.84 5.27
C GLY A 59 8.26 6.23 6.38
N ARG A 60 9.43 5.58 6.32
CA ARG A 60 10.48 5.80 7.30
C ARG A 60 11.80 5.52 6.60
N ASN A 61 12.80 6.34 6.89
CA ASN A 61 14.16 6.03 6.46
C ASN A 61 14.90 5.37 7.62
N ASN A 62 15.00 4.03 7.58
CA ASN A 62 15.90 3.27 8.42
C ASN A 62 17.30 3.25 7.82
N SER A 63 18.28 3.81 8.53
CA SER A 63 19.64 3.76 8.04
C SER A 63 20.56 3.41 9.20
N PRO A 64 21.83 3.11 8.95
CA PRO A 64 22.80 2.99 10.04
C PRO A 64 22.91 4.24 10.89
N ASP A 65 22.55 5.41 10.36
CA ASP A 65 22.71 6.68 11.06
C ASP A 65 21.40 7.26 11.59
N GLY A 66 20.32 6.48 11.61
CA GLY A 66 19.09 6.99 12.19
C GLY A 66 17.86 6.28 11.67
N ASN A 67 16.72 6.60 12.28
CA ASN A 67 15.42 6.15 11.83
C ASN A 67 14.56 7.41 11.82
N THR A 68 14.15 7.87 10.64
CA THR A 68 13.38 9.11 10.52
C THR A 68 12.05 8.80 9.84
N ASP A 69 10.94 8.97 10.55
CA ASP A 69 9.62 8.83 9.95
C ASP A 69 9.38 9.98 9.00
N SER A 70 8.66 9.68 7.91
CA SER A 70 8.53 10.62 6.79
C SER A 70 7.14 11.22 6.73
N SER A 71 7.08 12.55 6.61
CA SER A 71 5.86 13.25 6.23
C SER A 71 5.84 13.59 4.74
N ALA A 72 6.74 13.04 3.96
CA ALA A 72 6.97 13.46 2.60
C ALA A 72 5.92 12.95 1.62
N LEU A 73 5.63 13.81 0.63
CA LEU A 73 4.92 13.44 -0.58
C LEU A 73 5.82 13.81 -1.75
N ASP A 74 6.25 12.82 -2.52
CA ASP A 74 7.11 13.07 -3.67
C ASP A 74 6.43 12.52 -4.90
N CYS A 75 6.65 13.19 -6.04
N CYS A 75 6.54 13.23 -6.02
CA CYS A 75 5.96 12.92 -7.30
CA CYS A 75 5.90 12.79 -7.25
C CYS A 75 6.97 12.54 -8.37
C CYS A 75 6.96 12.49 -8.31
N TYR A 76 6.74 11.40 -9.02
CA TYR A 76 7.58 10.92 -10.09
C TYR A 76 6.83 11.07 -11.40
N ASN A 77 7.45 11.73 -12.37
CA ASN A 77 6.87 11.87 -13.69
C ASN A 77 7.54 10.90 -14.65
N PRO A 78 6.84 9.90 -15.19
CA PRO A 78 7.50 8.95 -16.10
C PRO A 78 7.99 9.59 -17.39
N MET A 79 7.41 10.72 -17.79
N MET A 79 7.41 10.73 -17.78
CA MET A 79 7.85 11.39 -19.01
CA MET A 79 7.86 11.37 -19.01
C MET A 79 9.22 12.02 -18.86
C MET A 79 9.25 11.98 -18.85
N THR A 80 9.64 12.33 -17.63
CA THR A 80 10.94 12.93 -17.38
C THR A 80 11.91 12.02 -16.62
N ASN A 81 11.41 10.93 -16.03
CA ASN A 81 12.20 10.09 -15.13
C ASN A 81 12.81 10.93 -14.01
N GLN A 82 12.04 11.87 -13.49
CA GLN A 82 12.50 12.68 -12.37
C GLN A 82 11.45 12.72 -11.25
N TRP A 83 11.96 12.73 -10.02
CA TRP A 83 11.19 12.98 -8.82
C TRP A 83 11.21 14.47 -8.47
N SER A 84 10.08 14.97 -7.98
CA SER A 84 9.92 16.33 -7.51
C SER A 84 9.23 16.31 -6.15
N PRO A 85 9.65 17.15 -5.22
N PRO A 85 9.69 17.10 -5.19
CA PRO A 85 8.95 17.22 -3.93
CA PRO A 85 8.95 17.19 -3.92
C PRO A 85 7.60 17.90 -4.10
C PRO A 85 7.62 17.89 -4.10
N CYS A 86 6.62 17.39 -3.37
CA CYS A 86 5.32 18.03 -3.21
C CYS A 86 5.15 18.48 -1.77
N ALA A 87 4.00 19.09 -1.49
CA ALA A 87 3.72 19.54 -0.14
C ALA A 87 3.75 18.35 0.82
N SER A 88 4.33 18.57 1.99
CA SER A 88 4.40 17.54 3.01
C SER A 88 3.11 17.46 3.81
N MET A 89 2.90 16.29 4.39
CA MET A 89 1.75 15.99 5.23
C MET A 89 1.91 16.72 6.57
N SER A 90 0.82 16.75 7.33
CA SER A 90 0.84 17.42 8.62
C SER A 90 1.73 16.71 9.63
N VAL A 91 2.00 15.42 9.41
N VAL A 91 1.92 15.40 9.46
CA VAL A 91 2.64 14.58 10.42
CA VAL A 91 2.67 14.59 10.41
C VAL A 91 3.38 13.45 9.72
C VAL A 91 3.45 13.52 9.67
N PRO A 92 4.51 13.00 10.24
CA PRO A 92 5.15 11.80 9.68
C PRO A 92 4.23 10.60 9.84
N ARG A 93 4.24 9.72 8.85
CA ARG A 93 3.40 8.53 8.85
C ARG A 93 4.16 7.35 8.28
N ASN A 94 4.72 6.51 9.14
CA ASN A 94 5.33 5.24 8.73
C ASN A 94 4.27 4.14 8.74
N ARG A 95 4.42 3.18 7.84
CA ARG A 95 3.48 2.05 7.75
C ARG A 95 2.08 2.62 7.50
N ILE A 96 2.04 3.52 6.52
CA ILE A 96 0.87 4.26 6.10
C ILE A 96 0.02 3.46 5.11
N GLY A 97 -1.24 3.84 5.02
CA GLY A 97 -2.11 3.40 3.94
C GLY A 97 -2.59 4.60 3.15
N VAL A 98 -2.82 4.41 1.85
CA VAL A 98 -3.22 5.48 0.96
C VAL A 98 -4.32 5.00 0.02
N GLY A 99 -5.25 5.90 -0.27
CA GLY A 99 -6.25 5.67 -1.29
C GLY A 99 -6.53 6.96 -2.03
N VAL A 100 -6.98 6.81 -3.29
CA VAL A 100 -7.34 7.93 -4.15
C VAL A 100 -8.83 7.90 -4.43
N ILE A 101 -9.49 9.04 -4.16
CA ILE A 101 -10.88 9.28 -4.54
C ILE A 101 -10.93 10.54 -5.38
N ASP A 102 -11.46 10.41 -6.60
CA ASP A 102 -11.74 11.55 -7.45
C ASP A 102 -10.56 12.51 -7.51
N GLY A 103 -9.37 11.95 -7.73
CA GLY A 103 -8.17 12.75 -7.94
C GLY A 103 -7.55 13.32 -6.70
N HIS A 104 -8.02 12.91 -5.51
CA HIS A 104 -7.46 13.36 -4.24
C HIS A 104 -6.83 12.18 -3.53
N ILE A 105 -5.70 12.40 -2.89
CA ILE A 105 -4.98 11.36 -2.18
C ILE A 105 -5.33 11.41 -0.70
N TYR A 106 -5.78 10.29 -0.15
CA TYR A 106 -6.01 10.18 1.27
C TYR A 106 -4.88 9.41 1.93
N ALA A 107 -4.25 10.04 2.93
CA ALA A 107 -3.20 9.41 3.73
C ALA A 107 -3.81 9.02 5.08
N VAL A 108 -3.68 7.74 5.43
CA VAL A 108 -4.43 7.15 6.53
C VAL A 108 -3.47 6.55 7.55
N GLY A 109 -3.59 6.98 8.80
CA GLY A 109 -2.93 6.27 9.86
C GLY A 109 -1.41 6.36 9.85
N GLY A 110 -0.77 5.27 10.25
CA GLY A 110 0.68 5.21 10.30
C GLY A 110 1.21 5.62 11.66
N SER A 111 2.51 5.42 11.84
CA SER A 111 3.16 5.72 13.11
C SER A 111 4.12 6.89 13.00
N HIS A 112 4.39 7.51 14.16
CA HIS A 112 5.42 8.54 14.32
C HIS A 112 6.03 8.20 15.68
N GLY A 113 7.21 7.60 15.68
CA GLY A 113 7.77 7.12 16.94
C GLY A 113 6.78 6.16 17.55
N CYS A 114 6.50 6.33 18.84
N CYS A 114 6.52 6.31 18.84
CA CYS A 114 5.56 5.46 19.54
CA CYS A 114 5.57 5.46 19.55
C CYS A 114 4.12 5.94 19.44
C CYS A 114 4.12 5.87 19.34
N ILE A 115 3.84 6.95 18.61
CA ILE A 115 2.46 7.37 18.34
C ILE A 115 1.90 6.48 17.24
N HIS A 116 0.68 6.01 17.43
CA HIS A 116 -0.10 5.31 16.42
C HIS A 116 -1.26 6.22 16.01
N HIS A 117 -1.28 6.65 14.74
CA HIS A 117 -2.26 7.66 14.33
C HIS A 117 -3.63 7.06 14.05
N SER A 118 -4.69 7.78 14.48
CA SER A 118 -6.00 7.66 13.86
C SER A 118 -6.26 8.73 12.81
N SER A 119 -5.44 9.79 12.74
CA SER A 119 -5.68 10.91 11.85
C SER A 119 -5.56 10.50 10.38
N VAL A 120 -6.25 11.28 9.54
CA VAL A 120 -6.39 11.08 8.11
C VAL A 120 -6.33 12.43 7.45
N GLU A 121 -5.62 12.54 6.33
CA GLU A 121 -5.56 13.83 5.65
C GLU A 121 -5.64 13.61 4.15
N ARG A 122 -6.07 14.65 3.44
CA ARG A 122 -6.43 14.58 2.02
C ARG A 122 -5.63 15.60 1.22
N TYR A 123 -4.98 15.11 0.15
CA TYR A 123 -4.15 15.94 -0.72
C TYR A 123 -4.89 16.34 -1.98
N GLU A 124 -4.74 17.61 -2.36
CA GLU A 124 -5.34 18.19 -3.56
C GLU A 124 -4.22 18.53 -4.53
N PRO A 125 -4.00 17.72 -5.57
CA PRO A 125 -2.83 17.97 -6.44
C PRO A 125 -2.89 19.31 -7.14
N GLU A 126 -4.08 19.73 -7.50
CA GLU A 126 -4.28 21.01 -8.18
C GLU A 126 -3.89 22.20 -7.32
N ARG A 127 -4.06 22.12 -6.01
CA ARG A 127 -3.61 23.19 -5.14
C ARG A 127 -2.29 22.88 -4.42
N ASP A 128 -1.75 21.66 -4.57
CA ASP A 128 -0.57 21.22 -3.82
C ASP A 128 -0.73 21.54 -2.34
N GLU A 129 -1.84 21.07 -1.76
CA GLU A 129 -2.19 21.30 -0.37
C GLU A 129 -2.77 20.04 0.28
N TRP A 130 -2.39 19.83 1.54
CA TRP A 130 -3.03 18.82 2.39
C TRP A 130 -3.97 19.48 3.38
N HIS A 131 -5.07 18.81 3.69
CA HIS A 131 -5.92 19.20 4.82
C HIS A 131 -6.37 17.96 5.56
N LEU A 132 -6.47 18.07 6.88
CA LEU A 132 -6.97 16.94 7.67
C LEU A 132 -8.46 16.74 7.47
N VAL A 133 -8.89 15.49 7.53
CA VAL A 133 -10.31 15.14 7.51
C VAL A 133 -10.64 14.42 8.82
N ALA A 134 -11.82 13.82 8.90
CA ALA A 134 -12.21 13.14 10.13
C ALA A 134 -11.26 11.99 10.41
N PRO A 135 -10.82 11.80 11.65
CA PRO A 135 -9.95 10.66 11.98
C PRO A 135 -10.75 9.36 12.03
N MET A 136 -10.05 8.25 11.85
CA MET A 136 -10.69 6.96 12.02
C MET A 136 -11.16 6.73 13.45
N LEU A 137 -12.02 5.69 13.60
CA LEU A 137 -12.51 5.28 14.91
C LEU A 137 -11.47 4.54 15.71
N THR A 138 -10.40 4.09 15.05
CA THR A 138 -9.35 3.27 15.63
C THR A 138 -8.01 3.80 15.15
N ARG A 139 -7.02 3.80 16.03
CA ARG A 139 -5.64 4.08 15.61
C ARG A 139 -5.13 2.87 14.84
N ARG A 140 -4.44 3.11 13.72
CA ARG A 140 -4.01 1.99 12.89
C ARG A 140 -2.71 2.30 12.18
N ILE A 141 -1.71 1.44 12.39
CA ILE A 141 -0.50 1.43 11.58
C ILE A 141 -0.42 0.07 10.90
N GLY A 142 0.35 0.02 9.82
CA GLY A 142 0.32 -1.20 9.00
C GLY A 142 -1.05 -1.47 8.47
N VAL A 143 -1.80 -0.41 8.18
CA VAL A 143 -3.19 -0.48 7.76
C VAL A 143 -3.28 -0.64 6.25
N GLY A 144 -4.20 -1.49 5.81
CA GLY A 144 -4.46 -1.65 4.39
C GLY A 144 -5.58 -0.71 3.99
N VAL A 145 -5.39 -0.03 2.88
CA VAL A 145 -6.38 0.93 2.41
C VAL A 145 -6.76 0.65 0.97
N ALA A 146 -8.03 0.75 0.67
CA ALA A 146 -8.44 0.68 -0.72
C ALA A 146 -9.71 1.47 -0.90
N VAL A 147 -9.99 1.80 -2.16
CA VAL A 147 -11.15 2.60 -2.52
C VAL A 147 -12.03 1.80 -3.47
N LEU A 148 -13.32 1.74 -3.15
CA LEU A 148 -14.31 1.11 -4.02
C LEU A 148 -15.55 1.98 -4.05
N ASN A 149 -16.00 2.34 -5.24
CA ASN A 149 -17.24 3.09 -5.39
C ASN A 149 -17.19 4.40 -4.62
N ARG A 150 -16.01 5.04 -4.66
N ARG A 150 -16.01 5.02 -4.64
CA ARG A 150 -15.75 6.33 -4.04
CA ARG A 150 -15.76 6.32 -4.04
C ARG A 150 -16.03 6.32 -2.54
C ARG A 150 -15.99 6.32 -2.54
N LEU A 151 -15.77 5.18 -1.91
CA LEU A 151 -15.72 5.05 -0.46
C LEU A 151 -14.34 4.50 -0.09
N LEU A 152 -13.81 4.93 1.03
CA LEU A 152 -12.44 4.63 1.45
C LEU A 152 -12.47 3.63 2.60
N TYR A 153 -11.73 2.54 2.48
CA TYR A 153 -11.73 1.47 3.47
C TYR A 153 -10.38 1.39 4.14
N ALA A 154 -10.40 1.26 5.48
CA ALA A 154 -9.19 1.03 6.26
C ALA A 154 -9.33 -0.30 6.95
N VAL A 155 -8.36 -1.19 6.73
CA VAL A 155 -8.50 -2.60 7.03
C VAL A 155 -7.34 -3.07 7.89
N GLY A 156 -7.63 -3.59 9.07
CA GLY A 156 -6.60 -4.20 9.88
C GLY A 156 -5.63 -3.21 10.48
N GLY A 157 -4.42 -3.71 10.73
CA GLY A 157 -3.34 -2.91 11.27
C GLY A 157 -3.04 -3.23 12.71
N PHE A 158 -2.40 -2.28 13.38
CA PHE A 158 -1.93 -2.41 14.75
C PHE A 158 -2.22 -1.09 15.43
N ASP A 159 -2.88 -1.14 16.58
CA ASP A 159 -3.32 0.09 17.26
C ASP A 159 -2.38 0.54 18.36
N GLY A 160 -1.28 -0.17 18.56
CA GLY A 160 -0.32 0.13 19.61
C GLY A 160 -0.29 -0.94 20.68
N THR A 161 -1.41 -1.65 20.86
CA THR A 161 -1.56 -2.77 21.78
C THR A 161 -1.91 -4.07 21.08
N ASN A 162 -2.88 -4.04 20.17
CA ASN A 162 -3.37 -5.26 19.53
C ASN A 162 -3.28 -5.13 18.01
N ARG A 163 -2.95 -6.24 17.35
CA ARG A 163 -3.21 -6.34 15.92
C ARG A 163 -4.69 -6.56 15.69
N LEU A 164 -5.19 -6.08 14.55
CA LEU A 164 -6.61 -5.87 14.37
C LEU A 164 -7.18 -6.74 13.27
N ASN A 165 -8.37 -7.28 13.51
CA ASN A 165 -9.21 -7.76 12.43
C ASN A 165 -10.29 -6.76 12.01
N SER A 166 -10.42 -5.65 12.72
CA SER A 166 -11.47 -4.70 12.42
C SER A 166 -11.19 -3.94 11.15
N ALA A 167 -12.24 -3.36 10.59
CA ALA A 167 -12.14 -2.51 9.42
C ALA A 167 -13.22 -1.44 9.49
N GLU A 168 -13.01 -0.35 8.76
CA GLU A 168 -13.96 0.77 8.76
C GLU A 168 -13.95 1.45 7.41
N CYS A 169 -15.01 2.21 7.15
CA CYS A 169 -15.27 2.85 5.87
C CYS A 169 -15.52 4.33 6.08
N TYR A 170 -14.91 5.15 5.23
CA TYR A 170 -15.06 6.60 5.25
C TYR A 170 -16.01 7.04 4.16
N TYR A 171 -17.01 7.86 4.53
CA TYR A 171 -17.99 8.39 3.59
C TYR A 171 -17.68 9.86 3.36
N PRO A 172 -17.09 10.22 2.23
CA PRO A 172 -16.54 11.58 2.12
C PRO A 172 -17.59 12.67 2.26
N GLU A 173 -18.80 12.43 1.73
CA GLU A 173 -19.77 13.52 1.74
C GLU A 173 -20.31 13.77 3.13
N ARG A 174 -20.10 12.86 4.07
CA ARG A 174 -20.43 13.14 5.45
C ARG A 174 -19.24 13.30 6.35
N ASN A 175 -18.04 13.15 5.81
CA ASN A 175 -16.81 13.23 6.56
C ASN A 175 -16.92 12.39 7.84
N GLU A 176 -17.28 11.12 7.62
N GLU A 176 -17.23 11.12 7.62
CA GLU A 176 -17.62 10.23 8.72
CA GLU A 176 -17.63 10.21 8.69
C GLU A 176 -17.06 8.84 8.46
C GLU A 176 -17.03 8.84 8.45
N TRP A 177 -16.57 8.20 9.52
CA TRP A 177 -16.13 6.80 9.48
C TRP A 177 -17.17 5.93 10.19
N ARG A 178 -17.39 4.73 9.62
CA ARG A 178 -18.25 3.73 10.24
C ARG A 178 -17.56 2.38 10.20
N MET A 179 -17.71 1.61 11.28
N MET A 179 -17.73 1.60 11.27
CA MET A 179 -17.17 0.25 11.26
CA MET A 179 -17.18 0.26 11.26
C MET A 179 -17.91 -0.60 10.22
C MET A 179 -17.90 -0.61 10.24
N ILE A 180 -17.17 -1.53 9.62
CA ILE A 180 -17.76 -2.56 8.78
C ILE A 180 -17.51 -3.91 9.42
N THR A 181 -18.06 -4.97 8.82
CA THR A 181 -17.83 -6.32 9.33
C THR A 181 -16.33 -6.56 9.50
N PRO A 182 -15.88 -7.11 10.61
CA PRO A 182 -14.44 -7.40 10.75
C PRO A 182 -14.05 -8.59 9.90
N MET A 183 -12.77 -8.61 9.52
CA MET A 183 -12.28 -9.80 8.85
C MET A 183 -12.30 -11.04 9.73
N ASN A 184 -12.16 -12.20 9.07
CA ASN A 184 -12.05 -13.45 9.80
C ASN A 184 -10.70 -13.62 10.47
N THR A 185 -9.68 -12.91 10.00
CA THR A 185 -8.31 -13.03 10.47
C THR A 185 -7.77 -11.68 10.92
N ILE A 186 -7.03 -11.69 12.04
CA ILE A 186 -6.24 -10.52 12.43
C ILE A 186 -5.11 -10.33 11.45
N ARG A 187 -4.95 -9.10 10.93
CA ARG A 187 -3.91 -8.85 9.96
C ARG A 187 -3.33 -7.46 10.12
N SER A 188 -2.03 -7.38 10.40
N SER A 188 -2.05 -7.37 10.45
CA SER A 188 -1.26 -6.16 10.29
CA SER A 188 -1.30 -6.14 10.27
C SER A 188 -0.26 -6.31 9.15
C SER A 188 -0.34 -6.33 9.11
N GLY A 189 -0.14 -5.27 8.34
CA GLY A 189 0.78 -5.34 7.22
C GLY A 189 0.31 -6.22 6.10
N ALA A 190 -1.00 -6.35 5.92
CA ALA A 190 -1.56 -7.05 4.78
C ALA A 190 -1.47 -6.17 3.55
N GLY A 191 -1.59 -6.78 2.38
CA GLY A 191 -1.86 -6.05 1.15
C GLY A 191 -3.36 -5.96 0.93
N VAL A 192 -3.83 -4.74 0.74
CA VAL A 192 -5.25 -4.51 0.57
C VAL A 192 -5.47 -3.79 -0.74
N CYS A 193 -6.41 -4.29 -1.54
CA CYS A 193 -6.66 -3.69 -2.83
C CYS A 193 -8.12 -3.98 -3.18
N VAL A 194 -8.54 -3.51 -4.34
CA VAL A 194 -9.90 -3.67 -4.81
C VAL A 194 -9.88 -4.38 -6.15
N LEU A 195 -10.76 -5.34 -6.32
CA LEU A 195 -10.93 -6.04 -7.58
C LEU A 195 -12.40 -6.39 -7.73
N HIS A 196 -13.00 -5.90 -8.81
CA HIS A 196 -14.44 -6.05 -9.07
C HIS A 196 -15.17 -5.43 -7.88
N ASN A 197 -16.10 -6.12 -7.24
CA ASN A 197 -16.89 -5.50 -6.20
C ASN A 197 -16.39 -5.82 -4.82
N CYS A 198 -15.13 -6.26 -4.70
CA CYS A 198 -14.63 -6.71 -3.42
C CYS A 198 -13.33 -6.03 -3.01
N ILE A 199 -13.18 -5.88 -1.70
CA ILE A 199 -11.92 -5.47 -1.08
C ILE A 199 -11.17 -6.74 -0.67
N TYR A 200 -9.94 -6.91 -1.15
CA TYR A 200 -9.14 -8.08 -0.80
C TYR A 200 -8.11 -7.71 0.25
N ALA A 201 -7.88 -8.64 1.18
CA ALA A 201 -6.84 -8.52 2.21
C ALA A 201 -5.98 -9.77 2.11
N ALA A 202 -4.74 -9.60 1.67
CA ALA A 202 -3.82 -10.71 1.41
C ALA A 202 -2.68 -10.68 2.39
N GLY A 203 -2.44 -11.82 3.05
CA GLY A 203 -1.27 -11.95 3.88
C GLY A 203 -1.34 -11.07 5.12
N GLY A 204 -0.18 -10.66 5.57
CA GLY A 204 -0.07 -9.88 6.79
C GLY A 204 0.48 -10.72 7.92
N TYR A 205 0.38 -10.16 9.12
CA TYR A 205 0.92 -10.76 10.34
C TYR A 205 -0.20 -10.75 11.36
N ASP A 206 -0.48 -11.92 11.96
CA ASP A 206 -1.61 -12.06 12.87
C ASP A 206 -1.19 -11.93 14.32
N GLY A 207 0.06 -11.53 14.57
CA GLY A 207 0.64 -11.52 15.90
C GLY A 207 1.50 -12.73 16.20
N GLN A 208 1.31 -13.82 15.46
CA GLN A 208 2.06 -15.06 15.65
C GLN A 208 2.83 -15.47 14.41
N ASP A 209 2.20 -15.44 13.24
CA ASP A 209 2.84 -15.93 12.03
C ASP A 209 2.53 -15.00 10.88
N GLN A 210 3.42 -15.02 9.88
CA GLN A 210 3.08 -14.43 8.61
C GLN A 210 2.06 -15.30 7.91
N LEU A 211 1.13 -14.66 7.19
CA LEU A 211 -0.03 -15.32 6.63
C LEU A 211 0.12 -15.53 5.12
N ASN A 212 -0.37 -16.66 4.61
CA ASN A 212 -0.65 -16.78 3.19
C ASN A 212 -2.13 -16.70 2.84
N SER A 213 -3.01 -16.60 3.84
CA SER A 213 -4.43 -16.58 3.53
C SER A 213 -4.84 -15.23 2.94
N VAL A 214 -5.93 -15.25 2.20
CA VAL A 214 -6.46 -14.09 1.49
C VAL A 214 -7.97 -14.11 1.67
N GLU A 215 -8.57 -12.98 2.04
CA GLU A 215 -10.01 -12.92 2.17
C GLU A 215 -10.51 -11.68 1.47
N ARG A 216 -11.79 -11.71 1.09
CA ARG A 216 -12.32 -10.58 0.34
C ARG A 216 -13.68 -10.19 0.89
N TYR A 217 -13.91 -8.86 0.95
CA TYR A 217 -15.12 -8.26 1.47
C TYR A 217 -15.98 -7.85 0.28
N ASP A 218 -17.19 -8.42 0.21
CA ASP A 218 -18.19 -8.03 -0.79
C ASP A 218 -18.99 -6.88 -0.20
N VAL A 219 -18.87 -5.68 -0.81
CA VAL A 219 -19.45 -4.51 -0.19
C VAL A 219 -20.97 -4.56 -0.21
N GLU A 220 -21.56 -5.40 -1.04
CA GLU A 220 -23.02 -5.50 -1.06
C GLU A 220 -23.53 -6.43 0.05
N THR A 221 -22.88 -7.60 0.22
CA THR A 221 -23.34 -8.58 1.19
C THR A 221 -22.73 -8.36 2.59
N GLU A 222 -21.67 -7.56 2.67
CA GLU A 222 -20.99 -7.23 3.93
C GLU A 222 -20.38 -8.45 4.58
N THR A 223 -19.96 -9.42 3.77
CA THR A 223 -19.32 -10.61 4.31
C THR A 223 -17.88 -10.68 3.82
N TRP A 224 -17.01 -11.29 4.65
CA TRP A 224 -15.65 -11.64 4.26
C TRP A 224 -15.60 -13.14 3.94
N THR A 225 -15.02 -13.47 2.80
CA THR A 225 -14.89 -14.85 2.35
C THR A 225 -13.44 -15.14 1.98
N PHE A 226 -12.92 -16.29 2.40
CA PHE A 226 -11.56 -16.68 1.98
C PHE A 226 -11.56 -17.11 0.51
N VAL A 227 -10.48 -16.77 -0.19
CA VAL A 227 -10.21 -17.27 -1.53
C VAL A 227 -8.97 -18.15 -1.45
N ALA A 228 -8.43 -18.54 -2.60
CA ALA A 228 -7.25 -19.39 -2.60
C ALA A 228 -6.11 -18.67 -1.88
N PRO A 229 -5.32 -19.37 -1.06
CA PRO A 229 -4.16 -18.72 -0.41
C PRO A 229 -3.00 -18.52 -1.38
N MET A 230 -2.17 -17.53 -1.06
CA MET A 230 -0.95 -17.35 -1.83
C MET A 230 -0.01 -18.55 -1.67
N ARG A 231 0.92 -18.68 -2.61
CA ARG A 231 1.94 -19.70 -2.48
C ARG A 231 2.86 -19.43 -1.31
N HIS A 232 3.13 -18.17 -1.00
CA HIS A 232 4.04 -17.80 0.07
C HIS A 232 3.33 -17.03 1.16
N HIS A 233 3.66 -17.35 2.40
CA HIS A 233 3.31 -16.48 3.51
C HIS A 233 4.08 -15.17 3.35
N ARG A 234 3.40 -14.04 3.57
CA ARG A 234 4.06 -12.75 3.40
C ARG A 234 3.41 -11.72 4.31
N SER A 235 4.23 -10.93 4.99
CA SER A 235 3.77 -9.71 5.62
C SER A 235 4.56 -8.54 5.02
N ALA A 236 4.01 -7.33 5.18
CA ALA A 236 4.60 -6.11 4.62
C ALA A 236 4.86 -6.27 3.12
N LEU A 237 3.88 -6.82 2.43
CA LEU A 237 3.94 -7.01 0.99
C LEU A 237 3.42 -5.79 0.25
N GLY A 238 3.89 -5.62 -0.98
CA GLY A 238 3.27 -4.68 -1.89
C GLY A 238 2.14 -5.34 -2.66
N ILE A 239 1.17 -4.54 -3.08
CA ILE A 239 0.00 -5.08 -3.78
C ILE A 239 -0.51 -4.05 -4.77
N THR A 240 -0.99 -4.55 -5.91
CA THR A 240 -1.71 -3.68 -6.84
C THR A 240 -2.59 -4.57 -7.72
N VAL A 241 -3.42 -3.92 -8.51
CA VAL A 241 -4.28 -4.60 -9.47
C VAL A 241 -3.92 -4.11 -10.87
N HIS A 242 -3.92 -5.01 -11.82
CA HIS A 242 -3.61 -4.65 -13.20
C HIS A 242 -4.33 -5.65 -14.09
N GLN A 243 -5.13 -5.14 -15.01
CA GLN A 243 -5.88 -5.92 -15.98
C GLN A 243 -6.58 -7.11 -15.34
N GLY A 244 -7.29 -6.81 -14.25
CA GLY A 244 -8.23 -7.76 -13.69
C GLY A 244 -7.59 -8.80 -12.81
N LYS A 245 -6.32 -8.62 -12.47
CA LYS A 245 -5.59 -9.57 -11.64
C LYS A 245 -4.90 -8.81 -10.51
N ILE A 246 -4.73 -9.49 -9.36
CA ILE A 246 -3.98 -8.92 -8.24
C ILE A 246 -2.54 -9.37 -8.36
N TYR A 247 -1.62 -8.43 -8.14
CA TYR A 247 -0.20 -8.76 -8.03
C TYR A 247 0.29 -8.43 -6.62
N VAL A 248 0.98 -9.38 -6.01
CA VAL A 248 1.61 -9.19 -4.71
C VAL A 248 3.10 -9.25 -4.92
N LEU A 249 3.82 -8.34 -4.28
CA LEU A 249 5.26 -8.18 -4.49
C LEU A 249 6.00 -8.21 -3.17
N GLY A 250 6.95 -9.14 -3.07
CA GLY A 250 7.86 -9.15 -1.93
C GLY A 250 7.17 -9.41 -0.61
N GLY A 251 7.77 -8.87 0.44
CA GLY A 251 7.32 -9.07 1.80
C GLY A 251 8.29 -9.96 2.55
N TYR A 252 7.90 -10.34 3.75
CA TYR A 252 8.73 -11.11 4.67
C TYR A 252 7.95 -12.36 5.06
N ASP A 253 8.57 -13.54 4.93
CA ASP A 253 7.85 -14.79 5.17
C ASP A 253 8.23 -15.44 6.51
N GLY A 254 8.92 -14.70 7.39
CA GLY A 254 9.41 -15.24 8.64
C GLY A 254 10.83 -15.74 8.57
N HIS A 255 11.40 -15.82 7.37
CA HIS A 255 12.73 -16.41 7.17
C HIS A 255 13.54 -15.56 6.19
N THR A 256 12.88 -15.15 5.12
CA THR A 256 13.50 -14.52 3.97
C THR A 256 12.73 -13.26 3.61
N PHE A 257 13.45 -12.25 3.13
CA PHE A 257 12.77 -11.16 2.42
C PHE A 257 12.57 -11.58 0.98
N LEU A 258 11.30 -11.66 0.58
CA LEU A 258 10.94 -12.35 -0.65
C LEU A 258 11.20 -11.50 -1.88
N ASP A 259 11.69 -12.12 -2.95
CA ASP A 259 11.67 -11.49 -4.25
C ASP A 259 10.49 -11.93 -5.11
N SER A 260 9.70 -12.90 -4.64
N SER A 260 9.71 -12.91 -4.67
CA SER A 260 8.56 -13.41 -5.39
CA SER A 260 8.67 -13.45 -5.54
C SER A 260 7.53 -12.35 -5.72
C SER A 260 7.50 -12.49 -5.71
N VAL A 261 6.97 -12.46 -6.94
CA VAL A 261 5.74 -11.75 -7.30
C VAL A 261 4.73 -12.80 -7.72
N GLU A 262 3.56 -12.80 -7.09
CA GLU A 262 2.49 -13.71 -7.43
C GLU A 262 1.31 -12.94 -8.00
N CYS A 263 0.52 -13.63 -8.84
CA CYS A 263 -0.60 -13.06 -9.55
C CYS A 263 -1.84 -13.90 -9.27
N TYR A 264 -2.91 -13.25 -8.80
CA TYR A 264 -4.20 -13.90 -8.55
C TYR A 264 -5.16 -13.68 -9.70
N ASP A 265 -5.71 -14.77 -10.24
CA ASP A 265 -6.73 -14.75 -11.28
C ASP A 265 -8.08 -15.06 -10.64
N PRO A 266 -8.99 -14.08 -10.53
CA PRO A 266 -10.26 -14.36 -9.84
C PRO A 266 -11.14 -15.34 -10.59
N ASP A 267 -10.98 -15.47 -11.91
CA ASP A 267 -11.85 -16.37 -12.67
C ASP A 267 -11.58 -17.82 -12.33
N SER A 268 -10.32 -18.17 -12.15
CA SER A 268 -9.92 -19.52 -11.77
C SER A 268 -9.67 -19.69 -10.28
N ASP A 269 -9.64 -18.60 -9.52
CA ASP A 269 -9.31 -18.63 -8.10
C ASP A 269 -7.97 -19.33 -7.88
N THR A 270 -6.95 -18.87 -8.62
CA THR A 270 -5.62 -19.44 -8.47
C THR A 270 -4.57 -18.34 -8.42
N TRP A 271 -3.48 -18.63 -7.73
CA TRP A 271 -2.28 -17.81 -7.70
C TRP A 271 -1.17 -18.49 -8.49
N SER A 272 -0.42 -17.71 -9.25
N SER A 272 -0.43 -17.70 -9.25
CA SER A 272 0.74 -18.21 -9.97
CA SER A 272 0.73 -18.16 -10.00
C SER A 272 1.91 -17.26 -9.76
C SER A 272 1.91 -17.26 -9.73
N GLU A 273 3.11 -17.84 -9.75
CA GLU A 273 4.33 -17.04 -9.69
C GLU A 273 4.62 -16.47 -11.07
N VAL A 274 4.80 -15.15 -11.18
CA VAL A 274 4.91 -14.54 -12.50
C VAL A 274 6.29 -13.96 -12.79
N THR A 275 7.02 -13.55 -11.78
CA THR A 275 8.34 -12.95 -11.96
C THR A 275 8.96 -12.83 -10.58
N ARG A 276 10.18 -12.36 -10.56
CA ARG A 276 10.88 -12.10 -9.33
C ARG A 276 11.42 -10.68 -9.40
N MET A 277 11.31 -9.95 -8.30
N MET A 277 11.35 -9.98 -8.27
CA MET A 277 12.00 -8.68 -8.24
CA MET A 277 12.02 -8.70 -8.15
C MET A 277 13.51 -8.89 -8.32
C MET A 277 13.53 -8.89 -8.29
N THR A 278 14.22 -7.80 -8.58
CA THR A 278 15.67 -7.86 -8.70
C THR A 278 16.36 -8.19 -7.39
N SER A 279 15.69 -7.97 -6.26
CA SER A 279 16.21 -8.37 -4.95
C SER A 279 15.03 -8.48 -4.00
N GLY A 280 15.17 -9.34 -2.99
CA GLY A 280 14.11 -9.47 -1.99
C GLY A 280 14.01 -8.22 -1.13
N ARG A 281 12.79 -7.86 -0.77
CA ARG A 281 12.54 -6.67 0.03
C ARG A 281 11.11 -6.68 0.55
N SER A 282 10.88 -5.94 1.63
CA SER A 282 9.55 -5.75 2.15
C SER A 282 9.22 -4.26 2.26
N GLY A 283 7.96 -3.95 2.54
CA GLY A 283 7.58 -2.57 2.83
C GLY A 283 7.65 -1.60 1.67
N VAL A 284 7.34 -2.08 0.46
CA VAL A 284 7.41 -1.27 -0.74
C VAL A 284 6.09 -0.56 -0.98
N GLY A 285 6.16 0.51 -1.76
CA GLY A 285 4.99 1.15 -2.35
C GLY A 285 4.86 0.74 -3.80
N VAL A 286 3.63 0.49 -4.23
CA VAL A 286 3.37 -0.06 -5.56
C VAL A 286 2.23 0.70 -6.20
N ALA A 287 2.34 0.97 -7.49
CA ALA A 287 1.23 1.55 -8.23
C ALA A 287 1.46 1.32 -9.71
N VAL A 288 0.43 1.60 -10.51
CA VAL A 288 0.43 1.33 -11.94
C VAL A 288 0.26 2.63 -12.71
N THR A 289 1.15 2.87 -13.68
CA THR A 289 0.98 3.98 -14.60
C THR A 289 1.74 3.71 -15.89
N MET A 290 1.70 4.69 -16.79
CA MET A 290 2.30 4.51 -18.11
C MET A 290 3.80 4.28 -17.99
N GLU A 291 4.34 3.57 -18.97
CA GLU A 291 5.77 3.32 -19.04
C GLU A 291 6.52 4.64 -19.24
N PRO A 292 7.75 4.72 -18.75
CA PRO A 292 8.50 5.97 -18.83
C PRO A 292 9.03 6.21 -20.24
N CYS A 293 9.22 7.50 -20.55
CA CYS A 293 9.61 7.92 -21.88
C CYS A 293 11.12 8.12 -21.94
C1 A1IX0 B . 9.54 -3.03 6.84
C2 A1IX0 B . 10.17 -4.94 8.25
C3 A1IX0 B . 11.26 -5.37 9.24
C5 A1IX0 B . 10.00 -7.62 9.07
C6 A1IX0 B . 8.80 -6.75 9.51
C7 A1IX0 B . 8.77 -5.42 8.74
C8 A1IX0 B . 9.45 -1.52 6.71
C10 A1IX0 B . 6.90 -2.47 7.98
C11 A1IX0 B . 5.64 -2.96 8.42
C12 A1IX0 B . 5.46 -3.65 9.66
C13 A1IX0 B . 4.18 -4.08 10.03
C15 A1IX0 B . 4.96 -5.81 11.71
C16 A1IX0 B . 5.01 -7.04 11.06
C17 A1IX0 B . 6.01 -7.90 11.43
C18 A1IX0 B . 7.27 -9.74 10.95
C19 A1IX0 B . 7.59 -9.79 12.46
C20 A1IX0 B . 6.95 -7.58 12.42
C14 A1IX0 B . 3.85 -4.83 11.29
C9 A1IX0 B . 6.99 -1.82 6.75
C4 A1IX0 B . 11.36 -6.92 9.21
C21 A1IX0 B . 6.91 -6.36 13.07
C22 A1IX0 B . 5.92 -5.47 12.70
C23 A1IX0 B . 3.34 -4.07 12.55
C24 A1IX0 B . 3.01 -4.99 13.73
C25 A1IX0 B . 3.11 -3.87 9.19
C26 A1IX0 B . 3.28 -3.23 7.99
C27 A1IX0 B . 4.50 -2.76 7.58
C28 A1IX0 B . 4.61 -2.08 6.34
C29 A1IX0 B . 5.84 -1.64 5.97
N1 A1IX0 B . 10.03 -3.53 7.98
O1 A1IX0 B . 9.16 -3.67 5.92
O2 A1IX0 B . 8.12 -1.27 6.18
O3 A1IX0 B . 6.02 -9.09 10.77
O4 A1IX0 B . 7.96 -8.44 12.83
O5 A1IX0 B . 3.79 -4.72 14.80
O6 A1IX0 B . 2.17 -5.88 13.70
HC2 A1IX0 B . 10.39 -5.43 7.31
H31 A1IX0 B . 11.00 -5.04 10.24
H32 A1IX0 B . 12.21 -4.93 8.96
H52 A1IX0 B . 10.02 -8.54 9.67
H51 A1IX0 B . 9.86 -7.95 8.04
H62 A1IX0 B . 8.85 -6.57 10.57
H61 A1IX0 B . 7.87 -7.30 9.33
H71 A1IX0 B . 8.10 -5.51 7.89
H72 A1IX0 B . 8.32 -4.65 9.38
H82 A1IX0 B . 10.20 -1.15 6.01
H81 A1IX0 B . 9.54 -1.05 7.69
HC10 A1IX0 B . 7.78 -2.59 8.60
HC12 A1IX0 B . 6.30 -3.82 10.32
HC16 A1IX0 B . 4.29 -7.29 10.29
H181 A1IX0 B . 7.21 -10.76 10.56
H182 A1IX0 B . 8.05 -9.18 10.43
H191 A1IX0 B . 8.41 -10.47 12.66
H192 A1IX0 B . 6.70 -10.09 13.02
HC14 A1IX0 B . 2.99 -5.43 10.98
H42 A1IX0 B . 11.86 -7.27 10.11
H41 A1IX0 B . 12.01 -7.22 8.38
HC21 A1IX0 B . 7.63 -6.12 13.83
HC22 A1IX0 B . 5.86 -4.51 13.19
H232 A1IX0 B . 2.45 -3.49 12.28
H231 A1IX0 B . 4.08 -3.33 12.85
HC25 A1IX0 B . 2.13 -4.22 9.46
HC26 A1IX0 B . 2.42 -3.08 7.34
HC28 A1IX0 B . 3.73 -1.94 5.72
HC29 A1IX0 B . 5.96 -1.13 5.02
HN1 A1IX0 B . 10.35 -2.92 8.72
S SO4 C . -2.97 11.16 16.09
O1 SO4 C . -1.76 10.36 16.28
O2 SO4 C . -3.72 11.28 17.36
O3 SO4 C . -2.64 12.50 15.65
O4 SO4 C . -3.89 10.54 15.11
S SO4 D . -28.41 6.84 6.29
O1 SO4 D . -27.30 6.77 7.25
O2 SO4 D . -29.63 7.42 6.91
O3 SO4 D . -27.94 7.66 5.19
O4 SO4 D . -28.75 5.51 5.80
S SO4 E . 10.00 -0.21 10.47
O1 SO4 E . 10.33 0.35 11.78
O2 SO4 E . 8.86 0.50 9.90
O3 SO4 E . 11.13 -0.09 9.56
O4 SO4 E . 9.65 -1.63 10.63
S SO4 F . 1.14 -23.75 6.57
O1 SO4 F . 0.83 -25.19 6.55
O2 SO4 F . 0.07 -23.07 7.32
O3 SO4 F . 2.41 -23.53 7.25
O4 SO4 F . 1.22 -23.22 5.20
S DMS G . -6.18 21.91 7.90
O DMS G . -5.62 20.54 8.11
C1 DMS G . -5.02 22.88 6.89
C2 DMS G . -6.02 22.86 9.44
H11 DMS G . -5.54 23.65 6.39
H12 DMS G . -4.56 22.24 6.17
H13 DMS G . -4.26 23.28 7.51
H21 DMS G . -6.44 23.82 9.31
H22 DMS G . -4.99 22.95 9.70
H23 DMS G . -6.53 22.35 10.22
S DMS H . -4.47 8.17 25.23
O DMS H . -4.67 9.34 24.33
C1 DMS H . -2.97 7.32 24.70
C2 DMS H . -5.69 6.88 24.83
H11 DMS H . -3.20 6.32 24.43
H12 DMS H . -2.27 7.31 25.50
H13 DMS H . -2.55 7.82 23.87
H21 DMS H . -6.67 7.29 24.90
H22 DMS H . -5.60 6.08 25.51
H23 DMS H . -5.53 6.54 23.85
S DMS I . 6.54 21.62 3.45
O DMS I . 5.31 21.44 2.59
C1 DMS I . 7.42 23.09 2.87
C2 DMS I . 7.77 20.39 3.00
H11 DMS I . 7.77 22.92 1.88
H12 DMS I . 8.25 23.29 3.50
H13 DMS I . 6.77 23.92 2.87
H21 DMS I . 8.62 20.87 2.59
H22 DMS I . 7.35 19.72 2.28
H23 DMS I . 8.05 19.84 3.86
S DMS J . -18.30 16.79 10.34
O DMS J . -17.40 17.51 9.40
C1 DMS J . -19.17 15.50 9.43
C2 DMS J . -19.78 17.79 10.71
H11 DMS J . -20.16 15.40 9.82
H12 DMS J . -18.66 14.58 9.54
H13 DMS J . -19.22 15.75 8.41
H21 DMS J . -20.38 17.29 11.42
H22 DMS J . -20.33 17.94 9.82
H23 DMS J . -19.48 18.73 11.10
S DMS K . 10.39 14.64 7.16
O DMS K . 9.78 13.78 6.10
C1 DMS K . 12.06 14.06 7.57
C2 DMS K . 9.58 14.39 8.77
H11 DMS K . 12.51 14.72 8.26
H12 DMS K . 12.64 14.01 6.69
H13 DMS K . 12.00 13.09 7.99
H21 DMS K . 10.16 14.82 9.53
H22 DMS K . 9.48 13.35 8.95
H23 DMS K . 8.62 14.83 8.76
#